data_8OFG
#
_entry.id   8OFG
#
_cell.length_a   86.570
_cell.length_b   86.570
_cell.length_c   110.620
_cell.angle_alpha   90.000
_cell.angle_beta   90.000
_cell.angle_gamma   90.000
#
_symmetry.space_group_name_H-M   'P 41 21 2'
#
loop_
_entity.id
_entity.type
_entity.pdbx_description
1 polymer 'Diadenylate cyclase'
2 polymer GLU-ARG-LEU-LEU-GLY-GLY-TRP-LYS
3 non-polymer 'ADENOSINE MONOPHOSPHATE'
4 non-polymer 'MAGNESIUM ION'
5 water water
#
loop_
_entity_poly.entity_id
_entity_poly.type
_entity_poly.pdbx_seq_one_letter_code
_entity_poly.pdbx_strand_id
1 'polypeptide(L)'
;GSHMASMNAPISAEEQMIRAFVKSVEYMSPRKIGALVAIQRVRTLQEYISTGIPLDAKISAELLINIFIPNTPLHDGAVI
IKEERIAVTSAYLPLTKNTGISKEFGTRHRAAIGLSEVSDALTFVVSEETGGISITYNGRFKHNLTLDEFETELREILLP
KEEVGLSFKERLLGGWKHEKK
;
A,B
2 'polypeptide(L)' ERLLGGWK C
#
loop_
_chem_comp.id
_chem_comp.type
_chem_comp.name
_chem_comp.formula
AMP non-polymer 'ADENOSINE MONOPHOSPHATE' 'C10 H14 N5 O7 P'
MG non-polymer 'MAGNESIUM ION' 'Mg 2'
#
# COMPACT_ATOMS: atom_id res chain seq x y z
N SER A 12 21.70 -7.58 1.25
CA SER A 12 21.24 -6.91 0.04
C SER A 12 19.73 -6.99 -0.06
N ALA A 13 19.26 -7.61 -1.15
CA ALA A 13 17.83 -7.65 -1.41
C ALA A 13 17.10 -8.47 -0.35
N GLU A 14 17.73 -9.55 0.12
CA GLU A 14 17.14 -10.31 1.23
C GLU A 14 17.28 -9.56 2.54
N GLU A 15 18.39 -8.84 2.71
CA GLU A 15 18.58 -8.03 3.91
C GLU A 15 17.59 -6.88 3.95
N GLN A 16 17.32 -6.25 2.79
CA GLN A 16 16.25 -5.25 2.72
C GLN A 16 14.90 -5.87 3.07
N MET A 17 14.57 -7.00 2.42
CA MET A 17 13.36 -7.76 2.74
C MET A 17 13.22 -8.04 4.23
N ILE A 18 14.26 -8.61 4.85
CA ILE A 18 14.17 -9.00 6.26
C ILE A 18 13.87 -7.79 7.16
N ARG A 19 14.54 -6.67 6.90
CA ARG A 19 14.32 -5.51 7.75
C ARG A 19 12.93 -4.95 7.55
N ALA A 20 12.43 -5.01 6.31
CA ALA A 20 11.06 -4.61 6.06
C ALA A 20 10.10 -5.48 6.85
N PHE A 21 10.30 -6.81 6.81
CA PHE A 21 9.43 -7.72 7.54
C PHE A 21 9.47 -7.44 9.04
N VAL A 22 10.70 -7.32 9.61
CA VAL A 22 10.81 -7.18 11.07
C VAL A 22 10.14 -5.89 11.53
N LYS A 23 10.38 -4.79 10.84
CA LYS A 23 9.80 -3.52 11.28
C LYS A 23 8.28 -3.56 11.21
N SER A 24 7.71 -4.20 10.18
CA SER A 24 6.26 -4.21 10.05
C SER A 24 5.61 -5.11 11.10
N VAL A 25 6.18 -6.30 11.34
CA VAL A 25 5.63 -7.17 12.39
C VAL A 25 5.79 -6.51 13.75
N GLU A 26 6.87 -5.75 13.95
CA GLU A 26 7.05 -4.95 15.16
C GLU A 26 5.85 -4.05 15.42
N TYR A 27 5.36 -3.38 14.38
CA TYR A 27 4.13 -2.59 14.52
C TYR A 27 2.91 -3.49 14.68
N MET A 28 2.81 -4.56 13.88
CA MET A 28 1.53 -5.26 13.86
C MET A 28 1.34 -6.18 15.05
N SER A 29 2.43 -6.76 15.56
CA SER A 29 2.28 -7.77 16.61
C SER A 29 1.63 -7.23 17.88
N PRO A 30 2.13 -6.16 18.51
CA PRO A 30 1.46 -5.66 19.72
C PRO A 30 0.07 -5.14 19.45
N ARG A 31 -0.22 -4.73 18.22
CA ARG A 31 -1.56 -4.22 17.89
C ARG A 31 -2.51 -5.33 17.49
N LYS A 32 -2.02 -6.56 17.37
CA LYS A 32 -2.85 -7.72 17.06
C LYS A 32 -3.55 -7.54 15.70
N ILE A 33 -2.76 -7.10 14.72
CA ILE A 33 -3.25 -6.94 13.36
C ILE A 33 -2.92 -8.22 12.60
N GLY A 34 -3.93 -8.84 12.00
CA GLY A 34 -3.69 -10.07 11.26
C GLY A 34 -2.81 -9.82 10.04
N ALA A 35 -1.91 -10.77 9.79
CA ALA A 35 -1.00 -10.62 8.65
C ALA A 35 -0.59 -11.98 8.13
N LEU A 36 -0.44 -12.07 6.81
CA LEU A 36 -0.03 -13.31 6.14
C LEU A 36 0.85 -12.92 4.95
N VAL A 37 2.13 -13.30 4.99
CA VAL A 37 3.12 -12.96 3.95
C VAL A 37 3.84 -14.24 3.54
N ALA A 38 3.73 -14.59 2.25
CA ALA A 38 4.38 -15.76 1.65
C ALA A 38 5.49 -15.30 0.72
N ILE A 39 6.68 -15.86 0.88
CA ILE A 39 7.84 -15.52 0.05
C ILE A 39 8.15 -16.70 -0.87
N GLN A 40 7.95 -16.50 -2.18
CA GLN A 40 8.33 -17.48 -3.18
C GLN A 40 9.83 -17.73 -3.12
N ARG A 41 10.19 -19.01 -2.98
CA ARG A 41 11.59 -19.39 -3.12
C ARG A 41 11.78 -20.17 -4.42
N VAL A 42 12.04 -21.48 -4.35
CA VAL A 42 12.36 -22.22 -5.58
C VAL A 42 11.10 -22.50 -6.39
N ARG A 43 10.06 -23.03 -5.76
CA ARG A 43 8.86 -23.43 -6.46
C ARG A 43 8.00 -22.19 -6.74
N THR A 44 7.42 -22.14 -7.93
CA THR A 44 6.66 -20.98 -8.36
C THR A 44 5.29 -20.96 -7.68
N LEU A 45 4.98 -19.86 -6.99
CA LEU A 45 3.70 -19.73 -6.32
C LEU A 45 2.61 -19.24 -7.26
N GLN A 46 2.94 -19.00 -8.53
CA GLN A 46 2.14 -18.32 -9.55
C GLN A 46 0.66 -18.64 -9.49
N GLU A 47 0.33 -19.85 -9.06
CA GLU A 47 -1.06 -20.30 -9.01
C GLU A 47 -1.89 -19.47 -8.02
N TYR A 48 -1.38 -19.28 -6.80
CA TYR A 48 -2.07 -18.48 -5.79
C TYR A 48 -1.82 -16.98 -5.98
N ILE A 49 -0.70 -16.60 -6.61
CA ILE A 49 -0.48 -15.19 -7.01
C ILE A 49 -1.66 -14.69 -7.84
N SER A 50 -2.09 -15.47 -8.83
CA SER A 50 -3.16 -15.06 -9.74
C SER A 50 -4.47 -14.76 -9.04
N THR A 51 -4.65 -15.27 -7.81
CA THR A 51 -5.90 -15.04 -7.10
C THR A 51 -5.96 -13.66 -6.42
N GLY A 52 -4.93 -12.81 -6.60
CA GLY A 52 -4.79 -11.62 -5.76
C GLY A 52 -4.80 -10.29 -6.49
N ILE A 53 -4.55 -9.18 -5.79
CA ILE A 53 -4.57 -7.85 -6.35
C ILE A 53 -3.14 -7.49 -6.73
N PRO A 54 -2.82 -7.34 -8.02
CA PRO A 54 -1.42 -7.10 -8.41
C PRO A 54 -0.93 -5.74 -7.91
N LEU A 55 0.25 -5.72 -7.30
CA LEU A 55 0.88 -4.48 -6.87
C LEU A 55 2.22 -4.26 -7.53
N ASP A 56 3.02 -5.31 -7.68
CA ASP A 56 4.37 -5.22 -8.22
C ASP A 56 5.14 -4.06 -7.58
N ALA A 57 5.06 -3.98 -6.25
CA ALA A 57 5.59 -2.84 -5.50
C ALA A 57 6.90 -3.15 -4.80
N LYS A 58 7.69 -2.11 -4.58
CA LYS A 58 8.90 -2.22 -3.75
C LYS A 58 8.53 -2.63 -2.34
N ILE A 59 9.36 -3.46 -1.72
CA ILE A 59 9.09 -3.90 -0.36
C ILE A 59 9.55 -2.80 0.59
N SER A 60 8.63 -2.34 1.45
CA SER A 60 8.98 -1.46 2.54
C SER A 60 8.13 -1.84 3.73
N ALA A 61 8.62 -1.54 4.93
CA ALA A 61 7.79 -1.71 6.13
C ALA A 61 6.52 -0.88 6.02
N GLU A 62 6.60 0.34 5.50
CA GLU A 62 5.43 1.23 5.44
C GLU A 62 4.33 0.64 4.58
N LEU A 63 4.66 0.19 3.38
CA LEU A 63 3.64 -0.42 2.52
C LEU A 63 3.05 -1.68 3.17
N LEU A 64 3.91 -2.56 3.71
CA LEU A 64 3.39 -3.76 4.37
C LEU A 64 2.43 -3.40 5.50
N ILE A 65 2.80 -2.42 6.33
CA ILE A 65 1.90 -1.98 7.39
C ILE A 65 0.60 -1.45 6.80
N ASN A 66 0.68 -0.60 5.77
CA ASN A 66 -0.56 -0.08 5.18
C ASN A 66 -1.41 -1.18 4.61
N ILE A 67 -0.78 -2.16 3.96
CA ILE A 67 -1.56 -3.26 3.39
C ILE A 67 -2.43 -3.90 4.48
N PHE A 68 -1.88 -4.11 5.65
CA PHE A 68 -2.54 -5.00 6.59
C PHE A 68 -3.47 -4.29 7.56
N ILE A 69 -3.64 -2.98 7.42
CA ILE A 69 -4.52 -2.24 8.33
C ILE A 69 -5.93 -2.84 8.28
N PRO A 70 -6.54 -3.17 9.42
CA PRO A 70 -7.79 -3.93 9.41
C PRO A 70 -8.90 -3.24 8.64
N ASN A 71 -9.78 -4.06 8.08
CA ASN A 71 -10.99 -3.61 7.38
C ASN A 71 -10.69 -2.56 6.32
N THR A 72 -9.62 -2.78 5.56
CA THR A 72 -9.27 -2.03 4.37
C THR A 72 -9.31 -2.98 3.18
N PRO A 73 -9.36 -2.45 1.95
CA PRO A 73 -9.44 -3.34 0.76
C PRO A 73 -8.32 -4.36 0.65
N LEU A 74 -7.10 -4.06 1.08
CA LEU A 74 -5.97 -4.96 0.79
C LEU A 74 -5.65 -5.97 1.89
N HIS A 75 -6.17 -5.82 3.13
CA HIS A 75 -5.60 -6.55 4.27
C HIS A 75 -5.97 -8.03 4.36
N ASP A 76 -6.95 -8.50 3.57
CA ASP A 76 -7.37 -9.89 3.68
C ASP A 76 -6.59 -10.73 2.67
N GLY A 77 -6.36 -11.98 3.01
CA GLY A 77 -5.53 -12.82 2.16
C GLY A 77 -4.06 -12.56 2.41
N ALA A 78 -3.23 -13.17 1.56
CA ALA A 78 -1.78 -13.20 1.70
C ALA A 78 -1.13 -12.17 0.77
N VAL A 79 -0.12 -11.47 1.30
CA VAL A 79 0.85 -10.77 0.45
C VAL A 79 1.84 -11.81 -0.08
N ILE A 80 2.17 -11.73 -1.38
CA ILE A 80 3.10 -12.68 -1.97
C ILE A 80 4.32 -11.91 -2.47
N ILE A 81 5.47 -12.24 -1.92
CA ILE A 81 6.74 -11.63 -2.27
C ILE A 81 7.38 -12.47 -3.37
N LYS A 82 7.74 -11.83 -4.48
CA LYS A 82 8.29 -12.54 -5.64
C LYS A 82 9.46 -11.71 -6.15
N GLU A 83 10.68 -12.22 -5.98
CA GLU A 83 11.88 -11.61 -6.54
C GLU A 83 12.06 -10.17 -6.06
N GLU A 84 12.07 -10.02 -4.74
CA GLU A 84 12.28 -8.73 -4.05
C GLU A 84 11.14 -7.71 -4.28
N ARG A 85 9.95 -8.16 -4.66
CA ARG A 85 8.82 -7.27 -4.87
C ARG A 85 7.59 -7.82 -4.16
N ILE A 86 6.74 -6.93 -3.68
CA ILE A 86 5.40 -7.33 -3.28
C ILE A 86 4.64 -7.60 -4.56
N ALA A 87 4.52 -8.87 -4.97
CA ALA A 87 3.90 -9.16 -6.27
C ALA A 87 2.41 -8.86 -6.25
N VAL A 88 1.68 -9.44 -5.29
CA VAL A 88 0.25 -9.19 -5.10
C VAL A 88 -0.04 -9.07 -3.60
N THR A 89 -1.22 -8.56 -3.28
CA THR A 89 -1.86 -8.77 -1.99
C THR A 89 -3.13 -9.60 -2.18
N SER A 90 -3.76 -9.94 -1.06
CA SER A 90 -5.09 -10.53 -1.09
C SER A 90 -5.13 -11.85 -1.84
N ALA A 91 -3.99 -12.54 -1.86
CA ALA A 91 -3.95 -13.86 -2.46
C ALA A 91 -4.47 -14.89 -1.47
N TYR A 92 -5.09 -15.94 -1.99
CA TYR A 92 -5.63 -16.99 -1.15
C TYR A 92 -4.89 -18.29 -1.41
N LEU A 93 -4.49 -18.97 -0.33
CA LEU A 93 -3.61 -20.12 -0.28
C LEU A 93 -4.40 -21.41 -0.07
N PRO A 94 -3.80 -22.57 -0.34
CA PRO A 94 -4.47 -23.84 0.00
C PRO A 94 -4.55 -24.01 1.50
N LEU A 95 -5.71 -24.44 1.97
CA LEU A 95 -5.91 -24.69 3.39
C LEU A 95 -5.45 -26.10 3.74
N THR A 96 -4.68 -26.21 4.83
CA THR A 96 -4.33 -27.55 5.27
C THR A 96 -5.58 -28.31 5.72
N LYS A 97 -5.53 -29.63 5.56
CA LYS A 97 -6.67 -30.49 5.87
C LYS A 97 -6.66 -30.91 7.33
N ASN A 98 -6.50 -29.94 8.24
CA ASN A 98 -6.33 -30.27 9.65
C ASN A 98 -7.28 -29.46 10.52
N THR A 99 -7.28 -28.13 10.33
CA THR A 99 -8.00 -27.22 11.22
C THR A 99 -7.57 -27.47 12.65
N GLY A 100 -8.49 -28.06 13.45
CA GLY A 100 -8.30 -28.25 14.87
C GLY A 100 -7.58 -27.09 15.52
N ILE A 101 -7.85 -25.88 15.03
CA ILE A 101 -7.11 -24.70 15.49
C ILE A 101 -8.06 -23.92 16.40
N SER A 102 -8.02 -24.22 17.70
CA SER A 102 -8.83 -23.56 18.71
C SER A 102 -7.97 -22.56 19.50
N LYS A 103 -8.43 -21.30 19.55
CA LYS A 103 -7.72 -20.12 20.08
C LYS A 103 -6.35 -19.92 19.47
N GLU A 104 -5.81 -18.70 19.57
CA GLU A 104 -4.49 -18.34 19.04
C GLU A 104 -4.41 -18.53 17.53
N PHE A 105 -4.57 -19.77 17.06
CA PHE A 105 -4.37 -20.16 15.67
C PHE A 105 -5.68 -20.11 14.88
N GLY A 106 -5.60 -19.59 13.65
CA GLY A 106 -6.76 -19.33 12.83
C GLY A 106 -6.56 -19.72 11.37
N THR A 107 -7.44 -19.23 10.49
CA THR A 107 -7.38 -19.66 9.09
C THR A 107 -6.09 -19.18 8.40
N ARG A 108 -5.55 -18.02 8.78
CA ARG A 108 -4.30 -17.57 8.19
C ARG A 108 -3.18 -18.60 8.42
N HIS A 109 -3.11 -19.15 9.64
CA HIS A 109 -2.16 -20.21 9.93
C HIS A 109 -2.47 -21.45 9.11
N ARG A 110 -3.75 -21.74 8.94
CA ARG A 110 -4.14 -22.90 8.15
C ARG A 110 -3.71 -22.73 6.71
N ALA A 111 -3.78 -21.51 6.19
CA ALA A 111 -3.39 -21.27 4.80
C ALA A 111 -1.87 -21.28 4.67
N ALA A 112 -1.15 -20.73 5.66
CA ALA A 112 0.30 -20.78 5.67
C ALA A 112 0.79 -22.23 5.71
N ILE A 113 0.10 -23.10 6.46
CA ILE A 113 0.48 -24.52 6.51
C ILE A 113 0.17 -25.21 5.19
N GLY A 114 -1.04 -25.03 4.67
CA GLY A 114 -1.42 -25.69 3.43
C GLY A 114 -0.57 -25.29 2.23
N LEU A 115 0.05 -24.11 2.27
CA LEU A 115 0.93 -23.69 1.18
C LEU A 115 2.34 -24.25 1.35
N SER A 116 2.82 -24.36 2.60
CA SER A 116 4.13 -24.97 2.82
C SER A 116 4.09 -26.47 2.59
N GLU A 117 2.90 -27.07 2.51
CA GLU A 117 2.76 -28.49 2.14
C GLU A 117 2.92 -28.74 0.65
N VAL A 118 2.77 -27.73 -0.21
CA VAL A 118 2.83 -27.92 -1.67
C VAL A 118 3.94 -27.10 -2.34
N SER A 119 4.80 -26.43 -1.55
CA SER A 119 5.84 -25.59 -2.11
C SER A 119 6.92 -25.39 -1.04
N ASP A 120 7.97 -24.65 -1.41
CA ASP A 120 9.07 -24.35 -0.51
C ASP A 120 9.03 -22.89 -0.06
N ALA A 121 7.83 -22.30 -0.09
CA ALA A 121 7.64 -20.92 0.32
C ALA A 121 8.05 -20.72 1.77
N LEU A 122 8.51 -19.52 2.09
CA LEU A 122 8.60 -19.10 3.49
C LEU A 122 7.39 -18.23 3.76
N THR A 123 6.53 -18.68 4.69
CA THR A 123 5.34 -17.94 5.03
C THR A 123 5.35 -17.60 6.51
N PHE A 124 5.00 -16.35 6.84
CA PHE A 124 4.86 -16.00 8.24
C PHE A 124 3.51 -15.34 8.49
N VAL A 125 3.05 -15.46 9.74
CA VAL A 125 1.72 -15.04 10.14
C VAL A 125 1.85 -14.26 11.43
N VAL A 126 1.05 -13.21 11.54
CA VAL A 126 0.82 -12.48 12.78
C VAL A 126 -0.62 -12.74 13.14
N SER A 127 -0.86 -13.28 14.33
CA SER A 127 -2.21 -13.68 14.69
C SER A 127 -3.10 -12.46 14.92
N GLU A 128 -4.23 -12.45 14.23
CA GLU A 128 -5.32 -11.50 14.48
C GLU A 128 -5.82 -11.58 15.92
N GLU A 129 -5.77 -12.76 16.55
CA GLU A 129 -6.29 -12.95 17.90
C GLU A 129 -5.30 -12.47 18.96
N THR A 130 -4.05 -12.93 18.88
CA THR A 130 -3.08 -12.71 19.95
C THR A 130 -1.85 -11.90 19.56
N GLY A 131 -1.66 -11.59 18.28
CA GLY A 131 -0.43 -10.98 17.84
C GLY A 131 0.78 -11.90 17.83
N GLY A 132 0.58 -13.21 17.97
CA GLY A 132 1.70 -14.12 17.93
C GLY A 132 2.27 -14.23 16.54
N ILE A 133 3.57 -14.44 16.48
CA ILE A 133 4.32 -14.57 15.23
C ILE A 133 4.57 -16.04 14.94
N SER A 134 4.25 -16.47 13.73
CA SER A 134 4.42 -17.86 13.31
C SER A 134 5.16 -17.90 11.99
N ILE A 135 5.89 -18.99 11.75
CA ILE A 135 6.52 -19.25 10.46
C ILE A 135 6.27 -20.68 10.05
N THR A 136 5.97 -20.89 8.77
CA THR A 136 5.86 -22.21 8.18
C THR A 136 6.92 -22.33 7.10
N TYR A 137 7.67 -23.42 7.12
CA TYR A 137 8.76 -23.64 6.18
C TYR A 137 9.14 -25.11 6.23
N ASN A 138 9.34 -25.72 5.06
CA ASN A 138 9.68 -27.16 4.96
C ASN A 138 8.47 -27.89 5.54
N GLY A 139 8.68 -28.83 6.46
CA GLY A 139 7.58 -29.42 7.20
C GLY A 139 7.58 -28.93 8.64
N ARG A 140 7.91 -27.66 8.86
CA ARG A 140 7.94 -27.11 10.22
C ARG A 140 6.98 -25.93 10.31
N PHE A 141 6.20 -25.93 11.38
CA PHE A 141 5.38 -24.80 11.82
C PHE A 141 5.98 -24.33 13.14
N LYS A 142 6.68 -23.19 13.11
CA LYS A 142 7.24 -22.57 14.31
C LYS A 142 6.30 -21.45 14.74
N HIS A 143 5.65 -21.63 15.87
CA HIS A 143 4.56 -20.76 16.30
C HIS A 143 4.99 -19.93 17.51
N ASN A 144 4.42 -18.73 17.60
CA ASN A 144 4.49 -17.87 18.77
C ASN A 144 5.94 -17.56 19.14
N LEU A 145 6.64 -17.00 18.15
CA LEU A 145 8.01 -16.53 18.29
C LEU A 145 8.02 -15.13 18.90
N THR A 146 9.20 -14.75 19.36
CA THR A 146 9.54 -13.38 19.73
C THR A 146 10.04 -12.64 18.49
N LEU A 147 10.01 -11.31 18.54
CA LEU A 147 10.51 -10.53 17.41
C LEU A 147 11.95 -10.93 17.08
N ASP A 148 12.74 -11.25 18.10
CA ASP A 148 14.11 -11.67 17.88
C ASP A 148 14.15 -13.05 17.24
N GLU A 149 13.41 -14.02 17.80
CA GLU A 149 13.33 -15.38 17.24
C GLU A 149 12.83 -15.35 15.80
N PHE A 150 11.77 -14.57 15.53
CA PHE A 150 11.29 -14.35 14.17
C PHE A 150 12.44 -13.89 13.28
N GLU A 151 13.17 -12.85 13.71
CA GLU A 151 14.21 -12.27 12.86
C GLU A 151 15.34 -13.26 12.59
N THR A 152 15.69 -14.08 13.59
CA THR A 152 16.75 -15.08 13.40
C THR A 152 16.33 -16.14 12.40
N GLU A 153 15.10 -16.66 12.51
CA GLU A 153 14.56 -17.60 11.53
C GLU A 153 14.63 -17.04 10.12
N LEU A 154 14.17 -15.80 9.94
CA LEU A 154 14.23 -15.17 8.62
C LEU A 154 15.65 -15.19 8.08
N ARG A 155 16.61 -14.73 8.87
CA ARG A 155 18.01 -14.71 8.43
C ARG A 155 18.54 -16.11 8.17
N GLU A 156 18.21 -17.06 9.05
CA GLU A 156 18.70 -18.41 8.83
C GLU A 156 18.20 -18.99 7.51
N ILE A 157 16.95 -18.69 7.15
CA ILE A 157 16.34 -19.27 5.97
C ILE A 157 16.69 -18.46 4.72
N LEU A 158 16.74 -17.13 4.84
CA LEU A 158 16.73 -16.30 3.63
C LEU A 158 18.13 -15.90 3.18
N LEU A 159 19.03 -15.53 4.13
CA LEU A 159 20.40 -15.22 3.75
C LEU A 159 21.21 -16.51 3.59
N PRO A 160 22.06 -16.59 2.57
CA PRO A 160 22.96 -17.76 2.42
C PRO A 160 24.07 -17.74 3.46
N LYS A 161 24.19 -18.84 4.23
CA LYS A 161 25.22 -19.04 5.25
C LYS A 161 25.19 -17.97 6.35
N GLU A 162 26.11 -17.00 6.29
CA GLU A 162 26.19 -15.90 7.28
C GLU A 162 25.08 -14.86 7.05
N PRO B 10 -7.49 -4.53 -25.52
CA PRO B 10 -7.19 -4.41 -24.09
C PRO B 10 -7.37 -2.98 -23.55
N ILE B 11 -7.64 -2.84 -22.25
CA ILE B 11 -7.86 -1.52 -21.65
C ILE B 11 -6.53 -0.78 -21.59
N SER B 12 -6.57 0.52 -21.86
CA SER B 12 -5.37 1.35 -21.89
C SER B 12 -4.89 1.66 -20.48
N ALA B 13 -3.55 1.76 -20.34
CA ALA B 13 -2.94 2.11 -19.05
C ALA B 13 -3.48 3.45 -18.54
N GLU B 14 -3.69 4.40 -19.45
CA GLU B 14 -4.47 5.59 -19.13
C GLU B 14 -5.85 5.20 -18.61
N GLU B 15 -6.63 4.50 -19.45
CA GLU B 15 -8.03 4.22 -19.14
C GLU B 15 -8.16 3.53 -17.78
N GLN B 16 -7.40 2.45 -17.58
CA GLN B 16 -7.38 1.77 -16.29
C GLN B 16 -7.08 2.76 -15.16
N MET B 17 -6.20 3.72 -15.41
CA MET B 17 -5.79 4.63 -14.35
C MET B 17 -6.90 5.61 -14.00
N ILE B 18 -7.68 6.09 -14.99
CA ILE B 18 -8.84 6.92 -14.62
C ILE B 18 -9.85 6.08 -13.85
N ARG B 19 -10.09 4.83 -14.28
CA ARG B 19 -11.01 3.94 -13.57
C ARG B 19 -10.58 3.79 -12.12
N ALA B 20 -9.27 3.58 -11.91
CA ALA B 20 -8.72 3.50 -10.55
C ALA B 20 -9.00 4.76 -9.74
N PHE B 21 -8.73 5.93 -10.32
CA PHE B 21 -8.96 7.20 -9.62
C PHE B 21 -10.43 7.35 -9.22
N VAL B 22 -11.35 7.12 -10.16
CA VAL B 22 -12.78 7.33 -9.88
C VAL B 22 -13.26 6.41 -8.77
N LYS B 23 -12.93 5.12 -8.87
CA LYS B 23 -13.36 4.17 -7.85
C LYS B 23 -12.85 4.56 -6.46
N SER B 24 -11.59 5.04 -6.36
CA SER B 24 -11.07 5.35 -5.03
C SER B 24 -11.72 6.61 -4.46
N VAL B 25 -11.89 7.64 -5.31
CA VAL B 25 -12.55 8.87 -4.85
C VAL B 25 -13.96 8.55 -4.39
N GLU B 26 -14.68 7.78 -5.21
CA GLU B 26 -15.97 7.20 -4.83
C GLU B 26 -15.94 6.65 -3.42
N TYR B 27 -14.93 5.83 -3.10
CA TYR B 27 -14.85 5.27 -1.75
C TYR B 27 -14.49 6.35 -0.74
N MET B 28 -13.57 7.25 -1.11
CA MET B 28 -12.94 8.12 -0.11
C MET B 28 -13.81 9.33 0.19
N SER B 29 -14.49 9.88 -0.82
CA SER B 29 -15.20 11.14 -0.62
C SER B 29 -16.33 11.02 0.40
N PRO B 30 -17.27 10.07 0.30
CA PRO B 30 -18.26 9.90 1.38
C PRO B 30 -17.69 9.81 2.78
N ARG B 31 -16.52 9.21 2.96
CA ARG B 31 -16.00 8.93 4.29
C ARG B 31 -15.11 10.06 4.82
N LYS B 32 -15.03 11.18 4.10
CA LYS B 32 -14.19 12.33 4.46
C LYS B 32 -12.74 11.89 4.68
N ILE B 33 -12.27 11.00 3.81
CA ILE B 33 -10.88 10.53 3.84
C ILE B 33 -10.06 11.47 2.96
N GLY B 34 -9.09 12.14 3.56
CA GLY B 34 -8.26 13.06 2.80
C GLY B 34 -7.39 12.31 1.81
N ALA B 35 -7.35 12.81 0.58
CA ALA B 35 -6.47 12.25 -0.42
C ALA B 35 -5.86 13.40 -1.21
N LEU B 36 -4.64 13.17 -1.70
CA LEU B 36 -3.91 14.16 -2.50
C LEU B 36 -3.10 13.39 -3.52
N VAL B 37 -3.54 13.38 -4.77
CA VAL B 37 -2.88 12.61 -5.82
C VAL B 37 -2.45 13.57 -6.93
N ALA B 38 -1.19 13.46 -7.35
CA ALA B 38 -0.61 14.29 -8.40
C ALA B 38 -0.09 13.41 -9.52
N ILE B 39 -0.46 13.74 -10.75
CA ILE B 39 -0.02 13.00 -11.92
C ILE B 39 0.98 13.87 -12.66
N GLN B 40 2.20 13.35 -12.80
CA GLN B 40 3.19 14.01 -13.64
C GLN B 40 2.74 13.94 -15.10
N ARG B 41 2.97 15.04 -15.83
CA ARG B 41 2.68 15.08 -17.25
C ARG B 41 3.99 15.37 -17.96
N VAL B 42 4.23 16.60 -18.40
CA VAL B 42 5.46 16.91 -19.13
C VAL B 42 6.56 17.40 -18.18
N ARG B 43 6.28 18.40 -17.34
CA ARG B 43 7.28 18.86 -16.38
C ARG B 43 7.57 17.75 -15.37
N THR B 44 8.86 17.41 -15.22
CA THR B 44 9.26 16.37 -14.27
C THR B 44 8.92 16.79 -12.86
N LEU B 45 8.33 15.87 -12.09
CA LEU B 45 8.06 16.11 -10.68
C LEU B 45 9.10 15.47 -9.79
N GLN B 46 10.25 15.09 -10.39
CA GLN B 46 11.27 14.32 -9.70
C GLN B 46 11.77 14.98 -8.42
N GLU B 47 11.62 16.31 -8.26
CA GLU B 47 12.04 16.96 -7.02
C GLU B 47 11.10 16.61 -5.89
N TYR B 48 9.80 16.54 -6.17
CA TYR B 48 8.84 16.21 -5.14
C TYR B 48 8.79 14.70 -4.92
N ILE B 49 9.08 13.94 -5.98
CA ILE B 49 9.16 12.49 -5.89
C ILE B 49 10.23 12.07 -4.86
N SER B 50 11.34 12.80 -4.80
CA SER B 50 12.41 12.43 -3.86
C SER B 50 12.00 12.59 -2.40
N THR B 51 10.98 13.39 -2.10
CA THR B 51 10.59 13.62 -0.73
C THR B 51 9.64 12.55 -0.18
N GLY B 52 9.25 11.57 -0.99
CA GLY B 52 8.20 10.65 -0.62
C GLY B 52 8.72 9.25 -0.36
N ILE B 53 7.77 8.37 -0.02
CA ILE B 53 8.08 6.97 0.27
C ILE B 53 7.93 6.17 -1.02
N PRO B 54 8.97 5.50 -1.49
CA PRO B 54 8.90 4.85 -2.80
C PRO B 54 8.00 3.63 -2.81
N LEU B 55 7.09 3.57 -3.78
CA LEU B 55 6.23 2.42 -3.99
C LEU B 55 6.50 1.75 -5.32
N ASP B 56 6.60 2.53 -6.40
CA ASP B 56 6.77 2.02 -7.77
C ASP B 56 5.75 0.90 -8.04
N ALA B 57 4.50 1.18 -7.67
CA ALA B 57 3.44 0.18 -7.64
C ALA B 57 2.48 0.36 -8.80
N LYS B 58 1.90 -0.75 -9.24
CA LYS B 58 0.79 -0.67 -10.18
C LYS B 58 -0.38 0.09 -9.54
N ILE B 59 -1.12 0.82 -10.37
CA ILE B 59 -2.19 1.69 -9.90
C ILE B 59 -3.46 0.87 -9.78
N SER B 60 -4.04 0.81 -8.59
CA SER B 60 -5.35 0.20 -8.44
C SER B 60 -6.15 1.02 -7.46
N ALA B 61 -7.47 0.91 -7.57
CA ALA B 61 -8.32 1.61 -6.63
C ALA B 61 -8.07 1.12 -5.22
N GLU B 62 -7.80 -0.18 -5.07
CA GLU B 62 -7.59 -0.79 -3.75
C GLU B 62 -6.32 -0.25 -3.08
N LEU B 63 -5.23 -0.17 -3.83
CA LEU B 63 -4.01 0.37 -3.25
C LEU B 63 -4.21 1.83 -2.84
N LEU B 64 -4.82 2.65 -3.70
CA LEU B 64 -5.02 4.06 -3.38
C LEU B 64 -5.88 4.22 -2.13
N ILE B 65 -6.96 3.45 -2.03
CA ILE B 65 -7.76 3.49 -0.82
C ILE B 65 -6.95 3.05 0.39
N ASN B 66 -6.08 2.05 0.23
CA ASN B 66 -5.30 1.60 1.39
C ASN B 66 -4.24 2.63 1.76
N ILE B 67 -3.71 3.37 0.77
CA ILE B 67 -2.69 4.38 1.03
C ILE B 67 -3.24 5.50 1.91
N PHE B 68 -4.46 5.92 1.63
CA PHE B 68 -4.97 7.14 2.26
C PHE B 68 -5.77 6.90 3.53
N ILE B 69 -5.95 5.64 3.93
CA ILE B 69 -6.62 5.33 5.20
C ILE B 69 -5.91 6.16 6.25
N PRO B 70 -6.64 6.88 7.09
CA PRO B 70 -6.00 7.75 8.06
C PRO B 70 -5.20 7.00 9.10
N ASN B 71 -4.17 7.66 9.63
CA ASN B 71 -3.29 7.14 10.68
C ASN B 71 -2.55 5.90 10.24
N THR B 72 -2.15 5.88 8.98
CA THR B 72 -1.26 4.85 8.48
C THR B 72 0.04 5.50 8.07
N PRO B 73 1.11 4.72 7.90
CA PRO B 73 2.41 5.33 7.51
C PRO B 73 2.39 6.06 6.16
N LEU B 74 1.46 5.77 5.25
CA LEU B 74 1.55 6.30 3.91
C LEU B 74 0.63 7.51 3.64
N HIS B 75 -0.31 7.83 4.54
CA HIS B 75 -1.49 8.60 4.10
C HIS B 75 -1.24 10.11 3.95
N ASP B 76 -0.41 10.73 4.80
CA ASP B 76 -0.22 12.18 4.70
C ASP B 76 0.60 12.53 3.48
N GLY B 77 0.28 13.64 2.84
CA GLY B 77 1.07 14.07 1.71
C GLY B 77 0.55 13.52 0.39
N ALA B 78 1.38 13.69 -0.64
CA ALA B 78 0.96 13.47 -2.02
C ALA B 78 1.41 12.11 -2.53
N VAL B 79 0.47 11.35 -3.10
CA VAL B 79 0.79 10.25 -4.00
C VAL B 79 1.19 10.87 -5.32
N ILE B 80 2.26 10.38 -5.95
CA ILE B 80 2.74 10.98 -7.19
C ILE B 80 2.78 9.91 -8.27
N ILE B 81 1.93 10.09 -9.31
CA ILE B 81 1.82 9.15 -10.43
C ILE B 81 2.83 9.53 -11.50
N LYS B 82 3.52 8.54 -12.05
CA LYS B 82 4.42 8.81 -13.16
C LYS B 82 4.61 7.54 -13.98
N GLU B 83 4.39 7.64 -15.29
CA GLU B 83 4.40 6.48 -16.19
C GLU B 83 3.40 5.42 -15.75
N GLU B 84 2.23 5.86 -15.28
CA GLU B 84 1.13 4.97 -14.86
C GLU B 84 1.54 4.02 -13.73
N ARG B 85 2.39 4.47 -12.82
CA ARG B 85 2.70 3.80 -11.57
C ARG B 85 2.58 4.80 -10.44
N ILE B 86 2.37 4.30 -9.22
CA ILE B 86 2.46 5.16 -8.04
C ILE B 86 3.94 5.22 -7.68
N ALA B 87 4.61 6.29 -8.13
CA ALA B 87 6.04 6.45 -7.84
C ALA B 87 6.29 6.52 -6.35
N VAL B 88 5.61 7.45 -5.66
CA VAL B 88 5.74 7.60 -4.21
C VAL B 88 4.38 7.89 -3.60
N THR B 89 4.34 7.80 -2.27
CA THR B 89 3.28 8.39 -1.46
C THR B 89 3.95 9.37 -0.50
N SER B 90 3.14 10.16 0.19
CA SER B 90 3.62 10.99 1.30
C SER B 90 4.58 12.09 0.85
N ALA B 91 4.67 12.36 -0.44
CA ALA B 91 5.54 13.40 -0.97
C ALA B 91 5.06 14.79 -0.57
N TYR B 92 6.00 15.74 -0.51
CA TYR B 92 5.72 17.13 -0.14
C TYR B 92 5.70 17.99 -1.41
N LEU B 93 4.59 18.63 -1.66
CA LEU B 93 4.40 19.59 -2.73
C LEU B 93 4.45 21.01 -2.18
N PRO B 94 4.85 22.00 -2.99
CA PRO B 94 4.92 23.38 -2.48
C PRO B 94 3.55 23.91 -2.14
N LEU B 95 3.44 24.55 -0.97
CA LEU B 95 2.21 25.20 -0.58
C LEU B 95 2.10 26.59 -1.22
N THR B 96 0.91 26.89 -1.74
CA THR B 96 0.68 28.17 -2.38
C THR B 96 0.81 29.29 -1.36
N LYS B 97 1.41 30.40 -1.79
CA LYS B 97 1.46 31.60 -0.97
C LYS B 97 0.35 32.59 -1.30
N ASN B 98 -0.46 32.30 -2.34
CA ASN B 98 -1.62 33.13 -2.68
C ASN B 98 -2.58 33.22 -1.50
N THR B 99 -2.78 34.44 -1.01
CA THR B 99 -3.59 34.64 0.18
C THR B 99 -5.07 34.36 -0.08
N GLY B 100 -5.53 34.55 -1.32
CA GLY B 100 -6.93 34.35 -1.65
C GLY B 100 -7.41 32.92 -1.53
N ILE B 101 -6.54 32.03 -1.02
CA ILE B 101 -6.85 30.60 -0.96
C ILE B 101 -8.00 30.30 0.00
N SER B 102 -8.28 31.20 0.95
CA SER B 102 -9.42 31.08 1.87
C SER B 102 -9.35 29.85 2.77
N LYS B 103 -10.31 29.73 3.69
CA LYS B 103 -10.43 28.53 4.52
C LYS B 103 -11.21 27.48 3.76
N GLU B 104 -11.88 26.56 4.49
CA GLU B 104 -12.61 25.45 3.88
C GLU B 104 -11.68 24.50 3.14
N PHE B 105 -10.79 25.07 2.32
CA PHE B 105 -9.69 24.34 1.72
C PHE B 105 -8.51 24.31 2.70
N GLY B 106 -7.72 23.23 2.63
CA GLY B 106 -6.68 22.98 3.62
C GLY B 106 -5.32 22.71 3.01
N THR B 107 -4.41 22.08 3.77
CA THR B 107 -3.05 21.89 3.27
C THR B 107 -3.05 21.17 1.93
N ARG B 108 -3.76 20.05 1.86
CA ARG B 108 -3.86 19.28 0.62
C ARG B 108 -4.16 20.20 -0.57
N HIS B 109 -5.15 21.08 -0.40
CA HIS B 109 -5.54 22.00 -1.48
C HIS B 109 -4.44 23.01 -1.80
N ARG B 110 -3.81 23.56 -0.77
CA ARG B 110 -2.70 24.49 -0.98
C ARG B 110 -1.54 23.80 -1.68
N ALA B 111 -1.26 22.54 -1.32
CA ALA B 111 -0.20 21.78 -1.98
C ALA B 111 -0.55 21.53 -3.43
N ALA B 112 -1.83 21.22 -3.69
CA ALA B 112 -2.28 21.01 -5.07
C ALA B 112 -2.19 22.30 -5.86
N ILE B 113 -2.78 23.38 -5.34
CA ILE B 113 -2.64 24.69 -5.98
C ILE B 113 -1.16 25.04 -6.17
N GLY B 114 -0.37 24.85 -5.11
CA GLY B 114 1.05 25.16 -5.19
C GLY B 114 1.76 24.44 -6.32
N LEU B 115 1.45 23.16 -6.52
CA LEU B 115 2.16 22.41 -7.57
C LEU B 115 1.73 22.86 -8.97
N SER B 116 0.48 23.30 -9.12
CA SER B 116 -0.01 23.76 -10.43
C SER B 116 0.60 25.09 -10.83
N GLU B 117 1.04 25.89 -9.85
CA GLU B 117 1.78 27.12 -10.13
C GLU B 117 3.11 26.86 -10.84
N VAL B 118 3.80 25.77 -10.49
CA VAL B 118 5.17 25.51 -10.94
C VAL B 118 5.28 24.37 -11.92
N SER B 119 4.17 23.71 -12.24
CA SER B 119 4.20 22.56 -13.14
C SER B 119 2.89 22.46 -13.87
N ASP B 120 2.89 21.66 -14.92
CA ASP B 120 1.68 21.30 -15.65
C ASP B 120 0.95 20.12 -15.01
N ALA B 121 1.37 19.69 -13.83
CA ALA B 121 0.80 18.47 -13.26
C ALA B 121 -0.70 18.60 -13.10
N LEU B 122 -1.40 17.48 -13.28
CA LEU B 122 -2.79 17.36 -12.89
C LEU B 122 -2.81 16.77 -11.49
N THR B 123 -3.41 17.49 -10.55
CA THR B 123 -3.56 17.04 -9.18
C THR B 123 -5.05 17.04 -8.84
N PHE B 124 -5.47 16.12 -7.97
CA PHE B 124 -6.82 16.18 -7.43
C PHE B 124 -6.78 15.88 -5.95
N VAL B 125 -7.81 16.35 -5.25
CA VAL B 125 -7.87 16.33 -3.80
C VAL B 125 -9.25 15.87 -3.35
N VAL B 126 -9.28 15.17 -2.22
CA VAL B 126 -10.52 14.85 -1.50
C VAL B 126 -10.38 15.47 -0.12
N SER B 127 -11.27 16.40 0.21
CA SER B 127 -11.14 17.13 1.46
C SER B 127 -11.34 16.20 2.65
N GLU B 128 -10.47 16.36 3.65
CA GLU B 128 -10.51 15.53 4.85
C GLU B 128 -11.71 15.89 5.75
N GLU B 129 -12.20 17.13 5.68
CA GLU B 129 -13.28 17.59 6.55
C GLU B 129 -14.65 17.62 5.86
N THR B 130 -14.70 17.92 4.56
CA THR B 130 -15.96 17.89 3.85
C THR B 130 -16.13 16.66 2.96
N GLY B 131 -15.04 16.03 2.53
CA GLY B 131 -15.12 15.03 1.48
C GLY B 131 -15.19 15.62 0.09
N GLY B 132 -15.01 16.93 -0.04
CA GLY B 132 -15.21 17.59 -1.32
C GLY B 132 -14.07 17.28 -2.28
N ILE B 133 -14.43 16.86 -3.47
CA ILE B 133 -13.47 16.58 -4.53
C ILE B 133 -13.05 17.89 -5.18
N SER B 134 -11.79 17.93 -5.65
CA SER B 134 -11.16 19.14 -6.17
C SER B 134 -10.18 18.72 -7.25
N ILE B 135 -9.63 19.69 -7.97
CA ILE B 135 -8.73 19.40 -9.08
C ILE B 135 -8.00 20.68 -9.47
N THR B 136 -6.68 20.58 -9.69
CA THR B 136 -5.88 21.72 -10.13
C THR B 136 -5.10 21.36 -11.37
N TYR B 137 -4.91 22.36 -12.22
CA TYR B 137 -4.30 22.19 -13.52
C TYR B 137 -4.01 23.55 -14.16
N ASN B 138 -2.74 23.91 -14.29
CA ASN B 138 -2.33 25.21 -14.83
C ASN B 138 -3.02 26.36 -14.10
N GLY B 139 -2.67 26.48 -12.82
CA GLY B 139 -3.22 27.53 -11.97
C GLY B 139 -4.69 27.35 -11.61
N ARG B 140 -5.49 26.91 -12.58
CA ARG B 140 -6.94 26.82 -12.39
C ARG B 140 -7.31 25.75 -11.37
N PHE B 141 -8.36 26.03 -10.59
CA PHE B 141 -8.68 25.24 -9.41
C PHE B 141 -10.20 25.05 -9.35
N LYS B 142 -10.66 23.90 -9.82
CA LYS B 142 -12.07 23.53 -9.85
C LYS B 142 -12.35 22.62 -8.67
N HIS B 143 -13.24 23.06 -7.77
CA HIS B 143 -13.51 22.39 -6.51
C HIS B 143 -14.95 21.89 -6.47
N ASN B 144 -15.27 21.20 -5.38
CA ASN B 144 -16.59 20.63 -5.11
C ASN B 144 -17.21 19.97 -6.34
N LEU B 145 -16.39 19.30 -7.14
CA LEU B 145 -16.94 18.51 -8.22
C LEU B 145 -17.76 17.36 -7.66
N THR B 146 -18.62 16.81 -8.51
CA THR B 146 -19.30 15.54 -8.31
C THR B 146 -18.55 14.45 -9.07
N LEU B 147 -18.82 13.20 -8.69
CA LEU B 147 -18.08 12.08 -9.25
C LEU B 147 -18.09 12.11 -10.78
N ASP B 148 -19.24 12.44 -11.38
CA ASP B 148 -19.31 12.54 -12.84
C ASP B 148 -18.49 13.72 -13.35
N GLU B 149 -18.56 14.85 -12.65
CA GLU B 149 -17.72 16.00 -13.00
C GLU B 149 -16.25 15.63 -12.98
N PHE B 150 -15.76 15.24 -11.80
CA PHE B 150 -14.35 14.92 -11.64
C PHE B 150 -13.91 13.89 -12.68
N GLU B 151 -14.79 12.94 -13.00
CA GLU B 151 -14.43 11.94 -14.00
C GLU B 151 -14.24 12.57 -15.38
N THR B 152 -15.22 13.36 -15.84
CA THR B 152 -15.12 13.92 -17.18
C THR B 152 -13.89 14.82 -17.30
N GLU B 153 -13.61 15.60 -16.25
CA GLU B 153 -12.39 16.41 -16.20
C GLU B 153 -11.13 15.58 -16.44
N LEU B 154 -10.98 14.47 -15.70
CA LEU B 154 -9.81 13.61 -15.84
C LEU B 154 -9.62 13.17 -17.29
N ARG B 155 -10.73 12.81 -17.96
CA ARG B 155 -10.67 12.23 -19.30
C ARG B 155 -10.11 13.23 -20.32
N GLU B 156 -10.61 14.47 -20.28
CA GLU B 156 -10.14 15.50 -21.20
C GLU B 156 -8.63 15.69 -21.10
N ILE B 157 -8.13 15.87 -19.88
CA ILE B 157 -6.70 16.16 -19.69
C ILE B 157 -5.83 14.98 -20.14
N LEU B 158 -6.30 13.75 -19.94
CA LEU B 158 -5.54 12.58 -20.40
C LEU B 158 -6.24 11.91 -21.58
N LEU B 159 -6.55 12.68 -22.62
CA LEU B 159 -7.36 12.23 -23.77
C LEU B 159 -6.62 11.29 -24.74
N GLU C 1 18.03 2.33 11.89
CA GLU C 1 16.82 2.88 11.29
C GLU C 1 15.54 2.60 12.08
N ARG C 2 14.68 3.62 12.25
CA ARG C 2 13.35 3.46 12.84
C ARG C 2 12.32 4.26 12.06
N LEU C 3 11.06 3.80 12.11
CA LEU C 3 9.95 4.51 11.48
C LEU C 3 9.52 5.69 12.35
N LEU C 4 9.05 6.76 11.69
CA LEU C 4 8.51 7.94 12.37
C LEU C 4 7.20 8.36 11.72
N GLY C 5 6.34 9.03 12.49
CA GLY C 5 5.18 9.63 11.88
C GLY C 5 4.01 10.09 12.74
N GLY C 6 3.83 9.51 13.92
CA GLY C 6 2.68 9.87 14.72
C GLY C 6 1.41 9.11 14.40
N TRP C 7 1.33 8.48 13.22
CA TRP C 7 0.50 7.30 13.09
C TRP C 7 0.92 6.26 14.13
N LYS C 8 2.15 6.35 14.62
CA LYS C 8 2.67 5.49 15.66
C LYS C 8 1.94 5.75 16.98
P AMP D . -11.72 -17.09 8.91
O1P AMP D . -12.09 -18.38 8.25
O2P AMP D . -11.56 -16.70 10.38
O5' AMP D . -10.98 -16.05 7.95
C5' AMP D . -10.32 -14.93 8.56
C4' AMP D . -9.21 -14.41 7.63
O4' AMP D . -8.19 -15.34 7.27
C3' AMP D . -9.79 -14.12 6.28
O3' AMP D . -10.44 -12.88 6.43
C2' AMP D . -8.62 -13.98 5.36
O2' AMP D . -8.09 -12.66 5.54
C1' AMP D . -7.72 -15.03 5.95
N9 AMP D . -7.90 -16.23 5.13
C8 AMP D . -8.88 -17.15 5.22
N7 AMP D . -8.69 -18.14 4.33
C5 AMP D . -7.56 -17.85 3.65
C6 AMP D . -6.77 -18.46 2.57
N6 AMP D . -7.14 -19.60 1.95
N1 AMP D . -5.65 -17.82 2.20
C2 AMP D . -5.25 -16.67 2.74
N3 AMP D . -5.91 -16.04 3.73
C4 AMP D . -7.05 -16.60 4.20
MG MG E . -12.99 -15.84 13.01
#